data_2Z3C
#
_entry.id   2Z3C
#
_cell.length_a   108.565
_cell.length_b   81.459
_cell.length_c   53.359
_cell.angle_alpha   90.00
_cell.angle_beta   104.45
_cell.angle_gamma   90.00
#
_symmetry.space_group_name_H-M   'C 1 2 1'
#
loop_
_entity.id
_entity.type
_entity.pdbx_description
1 polymer 'Replicase polyprotein 1ab (pp1ab)'
2 polymer inhibitor
3 non-polymer GLYCEROL
4 water water
#
loop_
_entity_poly.entity_id
_entity_poly.type
_entity_poly.pdbx_seq_one_letter_code
_entity_poly.pdbx_strand_id
1 'polypeptide(L)'
;SGFRKMAFPSGKVEGCMVQVTCGTTTLNGLWLDDTVYCPRHVICTAEDMLNPNYEDLLIRKSNHSFLVQAGNVQLRVIGH
SMQNCLLRLKVDTSNPKTPKYKFVRIQPGQTFSVLACYNGSPSGVYQCAMRPNHTIKGSFLNGSCGSVGFNIDYDCVSFC
YMHHMELPTGVHAGTDLEGKFYGPFVDRQTAQAAGTDTTITLNVLAWLYAAVINGDRWFLNRFTTTLNDFNLVAMKYNYE
PLTQDHVDILGPLSAQTGIAVLDMCAALKELLQNGMNGRTILGSTILEDEFTPFDVVRQCSGVTFQ
;
A
2 'polypeptide(L)' (ACE)V(Z3E)L(ECQ) B
#
# COMPACT_ATOMS: atom_id res chain seq x y z
N SER A 1 21.76 -14.38 0.34
CA SER A 1 21.29 -14.21 -1.06
C SER A 1 19.76 -14.47 -1.17
N GLY A 2 19.20 -14.34 -2.37
CA GLY A 2 17.74 -14.45 -2.52
C GLY A 2 17.01 -13.11 -2.55
N PHE A 3 15.78 -13.11 -3.04
CA PHE A 3 15.00 -11.88 -3.11
C PHE A 3 13.53 -12.22 -3.16
N ARG A 4 12.80 -11.82 -2.13
CA ARG A 4 11.42 -12.18 -1.92
C ARG A 4 10.63 -10.91 -1.66
N LYS A 5 9.35 -10.89 -2.05
CA LYS A 5 8.46 -9.81 -1.63
C LYS A 5 8.37 -10.03 -0.16
N MET A 6 8.69 -9.03 0.61
CA MET A 6 8.83 -9.20 2.03
C MET A 6 8.03 -8.13 2.81
N ALA A 7 7.26 -8.58 3.79
CA ALA A 7 6.43 -7.69 4.57
C ALA A 7 7.18 -7.35 5.84
N PHE A 8 6.74 -6.30 6.53
CA PHE A 8 7.34 -5.89 7.82
C PHE A 8 6.78 -6.80 8.89
N PRO A 9 7.56 -7.09 9.95
CA PRO A 9 6.98 -7.88 11.00
C PRO A 9 5.71 -7.18 11.43
N SER A 10 4.67 -7.93 11.83
CA SER A 10 3.34 -7.33 12.00
C SER A 10 2.92 -7.17 13.40
N GLY A 11 3.73 -7.58 14.34
CA GLY A 11 3.23 -7.58 15.76
C GLY A 11 2.80 -6.25 16.37
N LYS A 12 3.51 -5.18 15.98
CA LYS A 12 3.19 -3.90 16.60
C LYS A 12 1.81 -3.45 16.08
N VAL A 13 1.42 -3.87 14.89
CA VAL A 13 0.11 -3.51 14.38
C VAL A 13 -0.99 -4.45 14.90
N GLU A 14 -0.65 -5.72 15.16
CA GLU A 14 -1.65 -6.70 15.65
C GLU A 14 -2.22 -6.24 16.94
N GLY A 15 -1.34 -5.69 17.75
CA GLY A 15 -1.73 -5.18 19.07
C GLY A 15 -2.68 -3.97 19.03
N CYS A 16 -2.98 -3.49 17.83
CA CYS A 16 -3.84 -2.35 17.63
C CYS A 16 -5.17 -2.68 16.96
N MET A 17 -5.42 -3.94 16.62
CA MET A 17 -6.64 -4.23 15.88
C MET A 17 -7.81 -4.54 16.79
N VAL A 18 -8.92 -3.87 16.54
CA VAL A 18 -10.15 -4.12 17.30
C VAL A 18 -11.29 -4.37 16.35
N GLN A 19 -12.48 -4.62 16.90
CA GLN A 19 -13.67 -4.85 16.09
C GLN A 19 -14.65 -3.72 16.40
N VAL A 20 -15.25 -3.17 15.34
CA VAL A 20 -16.25 -2.12 15.50
C VAL A 20 -17.56 -2.54 14.87
N THR A 21 -18.64 -2.46 15.64
CA THR A 21 -19.99 -2.79 15.14
C THR A 21 -20.92 -1.59 15.25
N CYS A 22 -21.68 -1.33 14.18
CA CYS A 22 -22.76 -0.36 14.23
C CYS A 22 -23.97 -1.01 13.56
N GLY A 23 -25.00 -1.23 14.36
CA GLY A 23 -26.19 -1.93 13.88
C GLY A 23 -25.77 -3.33 13.48
N THR A 24 -25.98 -3.65 12.20
CA THR A 24 -25.67 -4.99 11.71
C THR A 24 -24.33 -5.03 10.95
N THR A 25 -23.63 -3.89 10.86
CA THR A 25 -22.32 -3.84 10.18
C THR A 25 -21.19 -4.02 11.20
N THR A 26 -20.30 -4.96 10.91
CA THR A 26 -19.10 -5.18 11.69
C THR A 26 -17.88 -5.12 10.76
N LEU A 27 -16.83 -4.46 11.26
CA LEU A 27 -15.58 -4.29 10.51
C LEU A 27 -14.47 -3.97 11.51
N ASN A 28 -13.26 -3.76 11.00
CA ASN A 28 -12.10 -3.61 11.87
C ASN A 28 -11.83 -2.17 12.16
N GLY A 29 -11.27 -1.89 13.34
CA GLY A 29 -10.71 -0.56 13.54
C GLY A 29 -9.32 -0.61 14.16
N LEU A 30 -8.69 0.57 14.25
CA LEU A 30 -7.31 0.70 14.70
C LEU A 30 -7.29 1.52 15.98
N TRP A 31 -6.74 0.92 17.01
CA TRP A 31 -6.83 1.45 18.37
C TRP A 31 -5.44 1.98 18.76
N LEU A 32 -5.27 3.30 18.73
CA LEU A 32 -4.04 3.97 19.19
C LEU A 32 -4.39 4.90 20.33
N ASP A 33 -3.57 4.85 21.37
CA ASP A 33 -3.91 5.54 22.63
C ASP A 33 -5.42 5.38 22.88
N ASP A 34 -6.15 6.48 22.96
CA ASP A 34 -7.57 6.39 23.37
C ASP A 34 -8.56 6.63 22.23
N THR A 35 -8.09 6.47 21.01
CA THR A 35 -8.94 6.59 19.85
C THR A 35 -8.97 5.30 19.07
N VAL A 36 -10.13 4.96 18.52
CA VAL A 36 -10.24 3.89 17.52
C VAL A 36 -10.62 4.53 16.21
N TYR A 37 -9.91 4.16 15.15
CA TYR A 37 -10.17 4.68 13.82
C TYR A 37 -10.83 3.59 13.00
N CYS A 38 -11.90 3.92 12.28
CA CYS A 38 -12.52 2.99 11.33
C CYS A 38 -13.21 3.70 10.18
N PRO A 39 -13.51 2.97 9.08
CA PRO A 39 -14.22 3.50 7.94
C PRO A 39 -15.61 3.97 8.36
N ARG A 40 -15.97 5.16 7.95
CA ARG A 40 -17.27 5.76 8.32
C ARG A 40 -18.47 4.97 7.79
N HIS A 41 -18.30 4.18 6.71
CA HIS A 41 -19.44 3.42 6.18
C HIS A 41 -19.92 2.30 7.12
N VAL A 42 -19.27 2.17 8.27
CA VAL A 42 -19.75 1.32 9.33
C VAL A 42 -21.16 1.74 9.82
N ILE A 43 -21.53 3.02 9.62
CA ILE A 43 -22.85 3.55 10.08
C ILE A 43 -23.93 3.37 9.05
N CYS A 44 -23.57 2.87 7.88
CA CYS A 44 -24.53 2.71 6.79
C CYS A 44 -25.21 1.34 6.77
N THR A 45 -26.42 1.29 6.22
CA THR A 45 -27.00 0.02 5.72
C THR A 45 -26.87 -0.04 4.20
N ALA A 46 -27.19 -1.20 3.61
CA ALA A 46 -27.10 -1.39 2.15
C ALA A 46 -27.80 -0.33 1.27
N GLU A 47 -29.01 0.10 1.61
CA GLU A 47 -29.69 1.12 0.80
C GLU A 47 -29.17 2.52 1.13
N ASP A 48 -28.61 2.66 2.34
CA ASP A 48 -27.87 3.86 2.73
C ASP A 48 -26.65 4.04 1.82
N MET A 49 -26.09 2.94 1.32
CA MET A 49 -24.85 2.99 0.52
C MET A 49 -24.98 3.58 -0.89
N LEU A 50 -26.17 3.50 -1.49
CA LEU A 50 -26.37 3.97 -2.86
C LEU A 50 -26.10 5.47 -2.98
N ASN A 51 -26.48 6.21 -1.94
CA ASN A 51 -26.41 7.66 -1.93
C ASN A 51 -26.35 8.16 -0.48
N PRO A 52 -25.31 7.75 0.30
CA PRO A 52 -25.33 8.05 1.73
C PRO A 52 -25.10 9.51 1.98
N ASN A 53 -25.62 10.02 3.08
CA ASN A 53 -25.23 11.33 3.49
C ASN A 53 -24.72 11.15 4.88
N TYR A 54 -23.41 11.14 5.02
CA TYR A 54 -22.77 10.73 6.26
C TYR A 54 -23.01 11.69 7.42
N GLU A 55 -22.95 12.99 7.11
CA GLU A 55 -23.20 14.01 8.10
C GLU A 55 -24.58 13.79 8.68
N ASP A 56 -25.53 13.45 7.81
CA ASP A 56 -26.91 13.20 8.21
C ASP A 56 -27.09 11.84 8.89
N LEU A 57 -26.49 10.81 8.32
CA LEU A 57 -26.47 9.47 8.94
C LEU A 57 -25.80 9.50 10.31
N LEU A 58 -24.75 10.32 10.46
CA LEU A 58 -23.98 10.35 11.74
C LEU A 58 -24.66 11.08 12.89
N ILE A 59 -25.28 12.25 12.62
CA ILE A 59 -26.01 13.02 13.65
C ILE A 59 -27.07 12.14 14.35
N ARG A 60 -27.54 11.13 13.62
CA ARG A 60 -28.49 10.11 14.13
C ARG A 60 -27.90 8.99 15.02
N LYS A 61 -26.59 9.01 15.28
CA LYS A 61 -25.94 8.00 16.10
C LYS A 61 -25.54 8.59 17.46
N SER A 62 -25.57 7.78 18.51
CA SER A 62 -24.95 8.20 19.76
C SER A 62 -23.61 7.47 19.97
N ASN A 63 -22.97 7.73 21.08
CA ASN A 63 -21.74 7.01 21.44
C ASN A 63 -22.06 5.53 21.65
N HIS A 64 -23.18 5.24 22.31
CA HIS A 64 -23.56 3.85 22.52
C HIS A 64 -24.14 3.16 21.28
N SER A 65 -24.13 3.86 20.14
CA SER A 65 -24.46 3.24 18.84
C SER A 65 -23.31 2.35 18.33
N PHE A 66 -22.11 2.56 18.88
CA PHE A 66 -20.88 1.88 18.41
C PHE A 66 -20.42 0.95 19.49
N LEU A 67 -20.16 -0.30 19.11
CA LEU A 67 -19.62 -1.29 20.01
C LEU A 67 -18.21 -1.54 19.57
N VAL A 68 -17.23 -1.39 20.47
CA VAL A 68 -15.82 -1.61 20.12
C VAL A 68 -15.34 -2.77 21.00
N GLN A 69 -14.83 -3.79 20.35
CA GLN A 69 -14.39 -4.98 21.05
C GLN A 69 -12.92 -5.21 20.83
N ALA A 70 -12.16 -5.21 21.91
CA ALA A 70 -10.73 -5.49 21.88
C ALA A 70 -10.55 -6.88 22.42
N GLY A 71 -10.35 -7.86 21.55
CA GLY A 71 -10.26 -9.26 21.98
C GLY A 71 -11.59 -9.68 22.54
N ASN A 72 -11.61 -10.02 23.83
CA ASN A 72 -12.86 -10.37 24.52
C ASN A 72 -13.47 -9.21 25.32
N VAL A 73 -12.75 -8.08 25.37
CA VAL A 73 -13.10 -6.95 26.23
C VAL A 73 -13.86 -5.91 25.42
N GLN A 74 -14.94 -5.38 26.00
CA GLN A 74 -15.70 -4.30 25.40
C GLN A 74 -15.08 -2.95 25.75
N LEU A 75 -14.83 -2.13 24.73
CA LEU A 75 -14.38 -0.77 24.99
C LEU A 75 -15.58 0.18 24.90
N ARG A 76 -15.80 0.95 25.96
CA ARG A 76 -16.89 1.92 25.95
C ARG A 76 -16.49 3.19 25.19
N VAL A 77 -17.31 3.55 24.21
CA VAL A 77 -17.17 4.79 23.42
C VAL A 77 -17.67 6.01 24.21
N ILE A 78 -16.83 7.04 24.29
CA ILE A 78 -17.12 8.24 25.07
C ILE A 78 -17.09 9.52 24.22
N GLY A 79 -16.93 9.37 22.89
CA GLY A 79 -17.01 10.49 21.97
C GLY A 79 -16.86 9.99 20.55
N HIS A 80 -17.35 10.75 19.58
CA HIS A 80 -17.13 10.35 18.18
C HIS A 80 -17.13 11.59 17.29
N SER A 81 -16.44 11.46 16.16
CA SER A 81 -16.32 12.54 15.22
C SER A 81 -16.01 11.91 13.87
N MET A 82 -16.36 12.63 12.81
CA MET A 82 -16.02 12.21 11.48
C MET A 82 -14.78 12.97 11.03
N GLN A 83 -13.82 12.26 10.45
CA GLN A 83 -12.75 12.93 9.75
C GLN A 83 -12.62 12.39 8.33
N ASN A 84 -13.17 13.12 7.36
CA ASN A 84 -13.18 12.79 5.98
C ASN A 84 -13.92 11.46 5.95
N CYS A 85 -13.29 10.39 5.45
CA CYS A 85 -13.99 9.09 5.36
C CYS A 85 -13.80 8.11 6.52
N LEU A 86 -13.26 8.58 7.64
CA LEU A 86 -13.13 7.76 8.82
C LEU A 86 -13.94 8.33 9.97
N LEU A 87 -14.18 7.47 10.94
CA LEU A 87 -14.66 7.91 12.25
C LEU A 87 -13.52 7.80 13.22
N ARG A 88 -13.49 8.72 14.16
CA ARG A 88 -12.59 8.64 15.27
C ARG A 88 -13.50 8.41 16.48
N LEU A 89 -13.39 7.26 17.12
CA LEU A 89 -14.18 6.95 18.30
C LEU A 89 -13.28 7.08 19.52
N LYS A 90 -13.66 7.89 20.51
CA LYS A 90 -12.83 7.99 21.70
C LYS A 90 -13.33 6.92 22.67
N VAL A 91 -12.41 6.13 23.22
CA VAL A 91 -12.78 5.06 24.12
C VAL A 91 -12.25 5.38 25.52
N ASP A 92 -12.78 4.70 26.54
CA ASP A 92 -12.41 5.03 27.91
C ASP A 92 -11.02 4.51 28.34
N THR A 93 -10.35 3.81 27.43
CA THR A 93 -9.12 3.10 27.76
C THR A 93 -8.04 3.42 26.71
N SER A 94 -6.82 3.76 27.16
CA SER A 94 -5.71 3.90 26.21
C SER A 94 -5.17 2.52 25.88
N ASN A 95 -4.89 2.27 24.61
CA ASN A 95 -4.32 0.99 24.25
C ASN A 95 -2.94 0.83 24.86
N PRO A 96 -2.75 -0.16 25.75
CA PRO A 96 -1.41 -0.21 26.34
C PRO A 96 -0.37 -0.73 25.36
N LYS A 97 -0.82 -1.27 24.23
CA LYS A 97 0.10 -1.79 23.22
C LYS A 97 0.40 -0.79 22.11
N THR A 98 -0.11 0.45 22.23
CA THR A 98 0.21 1.50 21.26
C THR A 98 1.73 1.64 20.99
N PRO A 99 2.13 1.41 19.75
CA PRO A 99 3.54 1.58 19.43
C PRO A 99 3.84 3.04 19.18
N LYS A 100 5.13 3.39 19.07
CA LYS A 100 5.48 4.70 18.51
C LYS A 100 4.94 4.66 17.09
N TYR A 101 4.23 5.71 16.65
CA TYR A 101 3.61 5.73 15.31
C TYR A 101 3.47 7.13 14.68
N LYS A 102 3.25 7.16 13.37
CA LYS A 102 2.96 8.37 12.63
C LYS A 102 1.87 8.00 11.65
N PHE A 103 1.15 9.00 11.17
CA PHE A 103 0.29 8.82 10.01
C PHE A 103 0.92 9.47 8.80
N VAL A 104 1.10 8.71 7.73
CA VAL A 104 1.80 9.19 6.55
C VAL A 104 0.89 9.01 5.35
N ARG A 105 0.97 9.92 4.39
CA ARG A 105 0.30 9.72 3.13
C ARG A 105 1.34 9.26 2.12
N ILE A 106 1.18 8.03 1.66
CA ILE A 106 2.14 7.41 0.79
C ILE A 106 1.92 7.91 -0.63
N GLN A 107 3.01 7.95 -1.40
CA GLN A 107 2.99 8.37 -2.78
C GLN A 107 2.91 7.20 -3.75
N PRO A 108 2.33 7.42 -4.94
CA PRO A 108 2.24 6.32 -5.87
C PRO A 108 3.63 5.68 -6.13
N GLY A 109 3.66 4.36 -6.38
CA GLY A 109 4.90 3.62 -6.55
C GLY A 109 5.54 3.18 -5.25
N GLN A 110 5.10 3.70 -4.10
CA GLN A 110 5.66 3.31 -2.84
C GLN A 110 4.95 2.02 -2.39
N THR A 111 5.63 1.27 -1.54
CA THR A 111 5.13 0.02 -1.06
C THR A 111 4.77 0.10 0.43
N PHE A 112 3.95 -0.84 0.88
CA PHE A 112 3.67 -0.98 2.29
C PHE A 112 3.17 -2.42 2.53
N SER A 113 3.10 -2.78 3.80
CA SER A 113 2.64 -4.10 4.28
C SER A 113 1.20 -3.90 4.71
N VAL A 114 0.36 -4.87 4.41
CA VAL A 114 -1.05 -4.90 4.76
C VAL A 114 -1.27 -6.08 5.67
N LEU A 115 -1.85 -5.78 6.83
CA LEU A 115 -2.33 -6.79 7.71
C LEU A 115 -3.83 -7.00 7.47
N ALA A 116 -4.17 -8.04 6.70
CA ALA A 116 -5.56 -8.39 6.45
C ALA A 116 -6.20 -8.89 7.74
N CYS A 117 -7.35 -8.32 8.11
CA CYS A 117 -8.03 -8.60 9.38
C CYS A 117 -9.51 -8.80 9.15
N TYR A 118 -10.12 -9.65 9.98
CA TYR A 118 -11.58 -9.95 9.95
C TYR A 118 -12.02 -9.98 11.39
N ASN A 119 -13.15 -9.36 11.72
CA ASN A 119 -13.66 -9.40 13.10
C ASN A 119 -12.65 -8.98 14.15
N GLY A 120 -11.81 -8.01 13.77
CA GLY A 120 -10.78 -7.49 14.67
C GLY A 120 -9.58 -8.43 14.87
N SER A 121 -9.51 -9.50 14.09
CA SER A 121 -8.49 -10.49 14.34
C SER A 121 -7.63 -10.66 13.09
N PRO A 122 -6.32 -10.42 13.23
CA PRO A 122 -5.44 -10.46 12.07
C PRO A 122 -5.36 -11.84 11.41
N SER A 123 -5.36 -11.88 10.07
CA SER A 123 -5.36 -13.18 9.43
C SER A 123 -4.18 -13.41 8.51
N GLY A 124 -3.55 -12.34 8.05
CA GLY A 124 -2.34 -12.53 7.29
C GLY A 124 -1.68 -11.26 6.85
N VAL A 125 -0.44 -11.36 6.40
CA VAL A 125 0.31 -10.17 6.06
C VAL A 125 0.90 -10.31 4.64
N TYR A 126 0.80 -9.23 3.85
CA TYR A 126 1.44 -9.17 2.56
C TYR A 126 1.85 -7.75 2.18
N GLN A 127 2.67 -7.64 1.14
CA GLN A 127 3.26 -6.42 0.69
C GLN A 127 2.48 -6.01 -0.58
N CYS A 128 2.34 -4.71 -0.84
N CYS A 128 2.19 -4.70 -0.73
CA CYS A 128 1.82 -4.29 -2.12
CA CYS A 128 1.54 -4.16 -1.96
C CYS A 128 2.22 -2.85 -2.39
C CYS A 128 2.31 -2.90 -2.38
N ALA A 129 2.16 -2.46 -3.64
CA ALA A 129 2.56 -1.12 -4.02
C ALA A 129 1.30 -0.29 -4.19
N MET A 130 1.37 1.01 -3.89
CA MET A 130 0.35 2.01 -4.34
C MET A 130 0.56 2.11 -5.86
N ARG A 131 -0.40 1.62 -6.63
CA ARG A 131 -0.33 1.76 -8.08
C ARG A 131 -0.40 3.24 -8.53
N PRO A 132 0.18 3.56 -9.71
CA PRO A 132 0.00 4.92 -10.21
C PRO A 132 -1.45 5.31 -10.34
N ASN A 133 -2.37 4.35 -10.51
CA ASN A 133 -3.81 4.71 -10.62
C ASN A 133 -4.48 4.74 -9.25
N HIS A 134 -3.68 4.71 -8.20
CA HIS A 134 -4.19 4.88 -6.79
C HIS A 134 -5.03 3.72 -6.22
N THR A 135 -4.85 2.56 -6.81
CA THR A 135 -5.41 1.33 -6.32
C THR A 135 -4.26 0.43 -5.87
N ILE A 136 -4.61 -0.64 -5.18
CA ILE A 136 -3.65 -1.68 -4.86
C ILE A 136 -4.26 -3.02 -5.26
N LYS A 137 -3.38 -3.97 -5.59
CA LYS A 137 -3.77 -5.35 -5.92
C LYS A 137 -3.61 -6.14 -4.66
N GLY A 138 -4.63 -6.09 -3.81
CA GLY A 138 -4.62 -6.70 -2.50
C GLY A 138 -5.33 -8.04 -2.55
N SER A 139 -5.61 -8.57 -1.38
CA SER A 139 -6.42 -9.81 -1.27
C SER A 139 -7.35 -9.55 -0.12
N PHE A 140 -8.61 -9.37 -0.41
CA PHE A 140 -9.56 -8.90 0.62
C PHE A 140 -10.92 -9.57 0.43
N LEU A 141 -11.54 -10.01 1.52
CA LEU A 141 -12.88 -10.58 1.43
C LEU A 141 -13.85 -9.73 2.24
N ASN A 142 -15.13 -10.10 2.31
CA ASN A 142 -16.05 -9.27 3.10
C ASN A 142 -15.59 -9.25 4.52
N GLY A 143 -15.69 -8.07 5.14
CA GLY A 143 -15.30 -7.89 6.55
C GLY A 143 -13.88 -7.40 6.72
N SER A 144 -13.16 -7.23 5.62
CA SER A 144 -11.77 -6.77 5.68
C SER A 144 -11.59 -5.23 5.84
N CYS A 145 -12.64 -4.45 5.57
N CYS A 145 -12.67 -4.46 5.68
CA CYS A 145 -12.44 -3.00 5.55
CA CYS A 145 -12.58 -3.02 5.74
C CYS A 145 -12.10 -2.51 6.95
C CYS A 145 -12.02 -2.61 7.08
N GLY A 146 -11.18 -1.56 7.06
N GLY A 146 -11.26 -1.51 7.13
CA GLY A 146 -10.60 -1.22 8.37
CA GLY A 146 -10.59 -1.18 8.39
C GLY A 146 -9.24 -1.87 8.60
N SER A 147 -8.90 -2.86 7.77
CA SER A 147 -7.52 -3.46 7.71
C SER A 147 -6.56 -2.36 7.28
N VAL A 148 -5.33 -2.38 7.80
CA VAL A 148 -4.44 -1.26 7.56
C VAL A 148 -3.17 -1.65 6.81
N GLY A 149 -2.56 -0.63 6.21
CA GLY A 149 -1.24 -0.72 5.56
C GLY A 149 -0.28 0.15 6.39
N PHE A 150 0.98 -0.27 6.40
CA PHE A 150 1.99 0.37 7.20
C PHE A 150 3.42 0.06 6.75
N ASN A 151 4.36 0.94 7.09
CA ASN A 151 5.77 0.64 7.01
C ASN A 151 6.35 0.79 8.43
N ILE A 152 7.51 0.21 8.68
CA ILE A 152 8.14 0.33 9.98
C ILE A 152 9.54 0.82 9.72
N ASP A 153 9.96 1.84 10.48
CA ASP A 153 11.38 2.21 10.52
C ASP A 153 11.82 2.44 11.96
N TYR A 154 12.79 1.62 12.36
CA TYR A 154 13.19 1.47 13.76
C TYR A 154 12.02 0.90 14.55
N ASP A 155 11.55 1.59 15.58
CA ASP A 155 10.42 1.03 16.27
C ASP A 155 9.17 1.92 16.11
N CYS A 156 9.19 2.73 15.05
CA CYS A 156 8.06 3.60 14.68
C CYS A 156 7.23 3.07 13.51
N VAL A 157 5.94 2.88 13.77
CA VAL A 157 5.01 2.43 12.74
C VAL A 157 4.39 3.59 11.96
N SER A 158 4.60 3.64 10.66
CA SER A 158 3.99 4.68 9.85
C SER A 158 2.80 4.08 9.14
N PHE A 159 1.61 4.35 9.66
CA PHE A 159 0.39 3.90 9.02
C PHE A 159 0.11 4.75 7.81
N CYS A 160 -0.21 4.11 6.70
CA CYS A 160 -0.42 4.83 5.46
C CYS A 160 -1.71 4.48 4.75
N TYR A 161 -2.34 3.36 5.11
CA TYR A 161 -3.57 2.89 4.41
C TYR A 161 -4.60 2.26 5.32
N MET A 162 -5.87 2.54 5.05
CA MET A 162 -7.00 1.83 5.65
C MET A 162 -7.94 1.36 4.56
N HIS A 163 -8.34 0.07 4.60
CA HIS A 163 -9.06 -0.52 3.46
C HIS A 163 -10.53 -0.16 3.48
N HIS A 164 -11.13 0.09 2.32
CA HIS A 164 -12.57 0.49 2.24
C HIS A 164 -13.32 -0.36 1.21
N MET A 165 -12.74 -0.64 0.04
CA MET A 165 -13.61 -1.24 -0.96
C MET A 165 -12.89 -1.85 -2.12
N GLU A 166 -13.64 -2.57 -2.95
CA GLU A 166 -13.09 -3.26 -4.09
C GLU A 166 -13.82 -2.79 -5.33
N LEU A 167 -13.08 -2.67 -6.44
CA LEU A 167 -13.61 -2.11 -7.64
C LEU A 167 -13.92 -3.24 -8.56
N PRO A 168 -14.64 -2.98 -9.67
CA PRO A 168 -15.10 -4.12 -10.49
C PRO A 168 -13.98 -5.00 -11.07
N THR A 169 -12.80 -4.44 -11.29
CA THR A 169 -11.66 -5.19 -11.80
C THR A 169 -10.97 -6.03 -10.74
N GLY A 170 -11.46 -6.01 -9.51
CA GLY A 170 -10.88 -6.81 -8.47
C GLY A 170 -9.74 -6.14 -7.75
N VAL A 171 -9.51 -4.85 -7.99
CA VAL A 171 -8.48 -4.15 -7.28
C VAL A 171 -9.13 -3.39 -6.14
N HIS A 172 -8.30 -2.82 -5.31
CA HIS A 172 -8.74 -2.33 -3.99
C HIS A 172 -8.47 -0.84 -3.79
N ALA A 173 -9.30 -0.16 -2.98
CA ALA A 173 -9.19 1.31 -2.83
C ALA A 173 -9.43 1.60 -1.37
N GLY A 174 -8.83 2.66 -0.85
CA GLY A 174 -8.93 2.94 0.54
C GLY A 174 -8.38 4.33 0.79
N THR A 175 -8.19 4.65 2.07
CA THR A 175 -7.81 6.01 2.49
C THR A 175 -6.51 5.99 3.30
N ASP A 176 -5.92 7.17 3.57
CA ASP A 176 -4.84 7.32 4.54
C ASP A 176 -5.51 7.40 5.90
N LEU A 177 -4.72 7.54 6.96
CA LEU A 177 -5.32 7.58 8.30
C LEU A 177 -5.89 8.94 8.69
N GLU A 178 -5.96 9.85 7.72
CA GLU A 178 -6.75 11.06 7.89
C GLU A 178 -8.13 10.95 7.19
N GLY A 179 -8.42 9.78 6.65
CA GLY A 179 -9.67 9.48 5.99
C GLY A 179 -9.78 9.97 4.56
N LYS A 180 -8.66 10.42 3.98
CA LYS A 180 -8.68 10.91 2.60
C LYS A 180 -8.37 9.80 1.62
N PHE A 181 -9.28 9.54 0.70
CA PHE A 181 -9.02 8.50 -0.28
C PHE A 181 -7.72 8.71 -1.02
N TYR A 182 -7.12 7.60 -1.40
CA TYR A 182 -6.12 7.59 -2.48
C TYR A 182 -6.93 7.50 -3.75
N GLY A 183 -6.69 8.40 -4.68
CA GLY A 183 -7.33 8.38 -6.02
C GLY A 183 -8.67 9.09 -5.99
N PRO A 184 -9.37 9.13 -7.13
CA PRO A 184 -10.66 9.82 -7.26
C PRO A 184 -11.90 9.05 -6.74
N PHE A 185 -11.74 8.22 -5.71
CA PHE A 185 -12.82 7.35 -5.29
C PHE A 185 -13.61 7.91 -4.12
N VAL A 186 -14.85 7.44 -4.00
CA VAL A 186 -15.74 7.89 -2.93
C VAL A 186 -16.35 6.68 -2.24
N ASP A 187 -16.73 6.82 -0.96
CA ASP A 187 -17.28 5.67 -0.26
C ASP A 187 -18.81 5.58 -0.44
N ARG A 188 -19.20 5.19 -1.64
CA ARG A 188 -20.60 4.88 -1.96
C ARG A 188 -20.67 3.86 -3.09
N GLN A 189 -21.77 3.09 -3.08
CA GLN A 189 -22.05 2.06 -4.11
C GLN A 189 -22.61 2.72 -5.37
N THR A 190 -21.69 3.11 -6.24
CA THR A 190 -22.03 3.80 -7.47
C THR A 190 -20.97 3.33 -8.45
N ALA A 191 -21.21 3.52 -9.75
CA ALA A 191 -20.23 3.13 -10.75
C ALA A 191 -18.93 3.94 -10.58
N GLN A 192 -17.85 3.24 -10.28
CA GLN A 192 -16.51 3.81 -10.19
C GLN A 192 -15.61 2.78 -10.81
N ALA A 193 -14.59 3.26 -11.50
CA ALA A 193 -13.69 2.35 -12.18
C ALA A 193 -12.28 2.88 -12.01
N ALA A 194 -11.36 1.97 -11.75
CA ALA A 194 -9.94 2.31 -11.70
C ALA A 194 -9.53 2.96 -13.03
N GLY A 195 -8.77 4.06 -12.99
CA GLY A 195 -8.18 4.61 -14.23
C GLY A 195 -7.17 3.66 -14.85
N THR A 196 -6.72 3.98 -16.06
CA THR A 196 -5.66 3.20 -16.68
C THR A 196 -4.38 3.22 -15.84
N ASP A 197 -3.72 2.07 -15.76
CA ASP A 197 -2.51 1.97 -14.96
C ASP A 197 -1.24 2.00 -15.82
N THR A 198 -0.10 2.20 -15.19
CA THR A 198 1.16 2.14 -15.91
C THR A 198 2.13 1.42 -15.05
N THR A 199 3.24 1.01 -15.64
CA THR A 199 4.29 0.33 -14.91
C THR A 199 5.18 1.33 -14.22
N ILE A 200 5.54 1.04 -12.96
CA ILE A 200 6.41 1.89 -12.17
C ILE A 200 7.87 1.69 -12.59
N THR A 201 8.32 2.54 -13.52
CA THR A 201 9.69 2.49 -14.11
C THR A 201 10.80 2.50 -13.06
N LEU A 202 10.67 3.37 -12.06
CA LEU A 202 11.70 3.48 -11.04
C LEU A 202 11.89 2.12 -10.37
N ASN A 203 10.77 1.49 -9.99
CA ASN A 203 10.81 0.14 -9.39
C ASN A 203 11.44 -0.93 -10.28
N VAL A 204 11.06 -0.98 -11.56
CA VAL A 204 11.68 -1.94 -12.45
C VAL A 204 13.19 -1.80 -12.44
N LEU A 205 13.70 -0.57 -12.54
CA LEU A 205 15.12 -0.31 -12.52
C LEU A 205 15.76 -0.74 -11.20
N ALA A 206 15.12 -0.42 -10.08
CA ALA A 206 15.63 -0.83 -8.76
C ALA A 206 15.82 -2.34 -8.68
N TRP A 207 14.85 -3.07 -9.18
CA TRP A 207 14.87 -4.53 -9.12
C TRP A 207 15.91 -5.14 -10.10
N LEU A 208 16.16 -4.45 -11.20
CA LEU A 208 17.32 -4.84 -12.03
C LEU A 208 18.65 -4.63 -11.29
N TYR A 209 18.77 -3.54 -10.54
CA TYR A 209 19.92 -3.42 -9.63
C TYR A 209 20.02 -4.56 -8.60
N ALA A 210 18.87 -4.91 -8.01
CA ALA A 210 18.72 -6.07 -7.10
C ALA A 210 19.34 -7.31 -7.71
N ALA A 211 19.02 -7.52 -8.98
CA ALA A 211 19.48 -8.69 -9.69
C ALA A 211 21.01 -8.71 -9.87
N VAL A 212 21.58 -7.55 -10.20
CA VAL A 212 23.04 -7.38 -10.30
C VAL A 212 23.72 -7.55 -8.94
N ILE A 213 23.14 -6.96 -7.88
CA ILE A 213 23.72 -7.10 -6.55
C ILE A 213 23.77 -8.57 -6.12
N ASN A 214 22.73 -9.31 -6.50
CA ASN A 214 22.65 -10.75 -6.21
C ASN A 214 23.45 -11.61 -7.14
N GLY A 215 23.97 -11.02 -8.22
CA GLY A 215 25.07 -11.63 -8.96
C GLY A 215 24.81 -11.87 -10.43
N ASP A 216 23.71 -11.34 -10.95
CA ASP A 216 23.31 -11.61 -12.33
C ASP A 216 23.52 -10.39 -13.23
N ARG A 217 24.24 -10.59 -14.34
CA ARG A 217 24.53 -9.50 -15.28
C ARG A 217 24.00 -9.73 -16.71
N TRP A 218 23.23 -10.78 -16.94
CA TRP A 218 23.00 -11.24 -18.33
C TRP A 218 22.34 -10.22 -19.26
N PHE A 219 21.54 -9.31 -18.69
CA PHE A 219 20.66 -8.39 -19.44
C PHE A 219 21.35 -7.05 -19.67
N LEU A 220 22.58 -6.91 -19.17
CA LEU A 220 23.33 -5.68 -19.39
C LEU A 220 23.79 -5.61 -20.84
N ASN A 221 24.12 -4.41 -21.31
CA ASN A 221 24.66 -4.22 -22.66
C ASN A 221 25.65 -3.06 -22.68
N ARG A 222 26.28 -2.83 -23.84
CA ARG A 222 27.35 -1.83 -23.96
C ARG A 222 26.84 -0.44 -24.34
N PHE A 223 25.52 -0.30 -24.43
CA PHE A 223 24.89 0.94 -24.87
C PHE A 223 24.54 1.85 -23.70
N THR A 224 24.32 3.11 -24.01
CA THR A 224 23.77 4.08 -23.08
C THR A 224 22.54 4.71 -23.76
N THR A 225 21.82 5.55 -23.03
CA THR A 225 20.70 6.24 -23.63
C THR A 225 20.61 7.62 -23.01
N THR A 226 19.97 8.55 -23.71
CA THR A 226 19.60 9.82 -23.10
C THR A 226 18.34 9.52 -22.35
N LEU A 227 18.07 10.31 -21.32
CA LEU A 227 16.78 10.27 -20.65
C LEU A 227 15.61 10.38 -21.66
N ASN A 228 15.65 11.40 -22.51
CA ASN A 228 14.63 11.63 -23.52
C ASN A 228 14.37 10.47 -24.49
N ASP A 229 15.44 9.81 -24.97
CA ASP A 229 15.28 8.65 -25.87
C ASP A 229 14.67 7.42 -25.17
N PHE A 230 15.03 7.22 -23.91
CA PHE A 230 14.44 6.17 -23.09
C PHE A 230 12.95 6.41 -22.97
N ASN A 231 12.59 7.66 -22.68
CA ASN A 231 11.20 8.01 -22.47
C ASN A 231 10.25 7.82 -23.68
N LEU A 232 10.78 7.93 -24.89
CA LEU A 232 10.02 7.60 -26.09
C LEU A 232 9.72 6.10 -26.16
N VAL A 233 10.67 5.29 -25.71
CA VAL A 233 10.47 3.85 -25.57
C VAL A 233 9.48 3.60 -24.42
N ALA A 234 9.75 4.18 -23.25
CA ALA A 234 8.83 4.06 -22.09
C ALA A 234 7.36 4.27 -22.45
N MET A 235 7.06 5.41 -23.09
CA MET A 235 5.70 5.74 -23.49
C MET A 235 5.02 4.67 -24.37
N LYS A 236 5.79 4.05 -25.26
CA LYS A 236 5.20 3.06 -26.14
C LYS A 236 4.87 1.73 -25.40
N TYR A 237 5.61 1.42 -24.34
CA TYR A 237 5.39 0.18 -23.59
C TYR A 237 4.57 0.42 -22.32
N ASN A 238 3.99 1.63 -22.20
CA ASN A 238 3.13 2.01 -21.05
C ASN A 238 3.88 2.01 -19.72
N TYR A 239 5.08 2.58 -19.74
CA TYR A 239 5.92 2.79 -18.56
C TYR A 239 5.87 4.26 -18.16
N GLU A 240 5.93 4.56 -16.87
CA GLU A 240 6.03 5.95 -16.44
C GLU A 240 7.27 6.55 -16.98
N PRO A 241 7.21 7.85 -17.36
CA PRO A 241 8.42 8.47 -17.86
C PRO A 241 9.45 8.50 -16.75
N LEU A 242 10.72 8.35 -17.08
CA LEU A 242 11.77 8.51 -16.09
C LEU A 242 12.21 9.97 -16.03
N THR A 243 12.41 10.44 -14.80
CA THR A 243 12.75 11.82 -14.52
C THR A 243 14.14 11.86 -13.94
N GLN A 244 14.75 13.05 -13.90
CA GLN A 244 16.06 13.22 -13.25
C GLN A 244 16.01 12.90 -11.76
N ASP A 245 14.91 13.24 -11.10
CA ASP A 245 14.76 12.88 -9.68
C ASP A 245 14.80 11.34 -9.47
N HIS A 246 14.18 10.58 -10.37
CA HIS A 246 14.25 9.09 -10.34
C HIS A 246 15.67 8.58 -10.62
N VAL A 247 16.33 9.15 -11.63
CA VAL A 247 17.74 8.90 -11.90
C VAL A 247 18.59 9.11 -10.64
N ASP A 248 18.40 10.23 -9.96
CA ASP A 248 19.11 10.59 -8.73
C ASP A 248 18.87 9.54 -7.65
N ILE A 249 17.59 9.20 -7.42
CA ILE A 249 17.21 8.21 -6.39
C ILE A 249 18.04 6.90 -6.53
N LEU A 250 18.32 6.52 -7.77
CA LEU A 250 19.05 5.30 -8.09
C LEU A 250 20.56 5.43 -7.90
N GLY A 251 21.04 6.62 -7.51
CA GLY A 251 22.46 6.86 -7.25
C GLY A 251 23.17 5.80 -6.43
N PRO A 252 22.73 5.59 -5.17
CA PRO A 252 23.36 4.59 -4.28
C PRO A 252 23.42 3.16 -4.85
N LEU A 253 22.36 2.72 -5.53
CA LEU A 253 22.35 1.38 -6.16
C LEU A 253 23.30 1.36 -7.36
N SER A 254 23.37 2.48 -8.06
CA SER A 254 24.26 2.64 -9.22
C SER A 254 25.73 2.52 -8.78
N ALA A 255 26.02 3.11 -7.62
CA ALA A 255 27.34 3.20 -7.07
C ALA A 255 27.77 1.83 -6.51
N GLN A 256 26.85 1.15 -5.83
CA GLN A 256 27.16 -0.18 -5.32
C GLN A 256 27.51 -1.15 -6.45
N THR A 257 26.91 -0.96 -7.63
CA THR A 257 27.08 -1.92 -8.75
C THR A 257 28.03 -1.44 -9.85
N GLY A 258 28.43 -0.17 -9.81
CA GLY A 258 29.26 0.41 -10.87
C GLY A 258 28.53 0.52 -12.20
N ILE A 259 27.19 0.44 -12.18
CA ILE A 259 26.43 0.56 -13.43
C ILE A 259 25.67 1.87 -13.41
N ALA A 260 25.97 2.71 -14.39
CA ALA A 260 25.33 4.00 -14.59
C ALA A 260 23.85 3.80 -14.85
N VAL A 261 23.04 4.67 -14.25
CA VAL A 261 21.59 4.63 -14.39
C VAL A 261 21.15 4.58 -15.86
N LEU A 262 21.73 5.44 -16.69
CA LEU A 262 21.33 5.52 -18.08
C LEU A 262 21.78 4.30 -18.87
N ASP A 263 22.83 3.65 -18.36
CA ASP A 263 23.27 2.33 -18.81
C ASP A 263 22.27 1.26 -18.45
N MET A 264 21.79 1.26 -17.20
CA MET A 264 20.68 0.37 -16.86
C MET A 264 19.39 0.68 -17.62
N CYS A 265 19.15 1.97 -17.92
CA CYS A 265 18.01 2.35 -18.76
C CYS A 265 18.14 1.78 -20.17
N ALA A 266 19.36 1.78 -20.73
CA ALA A 266 19.58 1.19 -22.02
C ALA A 266 19.29 -0.30 -21.91
N ALA A 267 19.72 -0.92 -20.81
CA ALA A 267 19.50 -2.33 -20.61
C ALA A 267 18.00 -2.62 -20.59
N LEU A 268 17.24 -1.84 -19.79
CA LEU A 268 15.77 -1.88 -19.78
C LEU A 268 15.14 -1.68 -21.17
N LYS A 269 15.58 -0.66 -21.88
CA LYS A 269 15.06 -0.40 -23.21
C LYS A 269 15.25 -1.65 -24.10
N GLU A 270 16.44 -2.27 -24.03
CA GLU A 270 16.69 -3.52 -24.74
C GLU A 270 15.72 -4.65 -24.32
N LEU A 271 15.46 -4.80 -23.00
CA LEU A 271 14.53 -5.83 -22.50
C LEU A 271 13.10 -5.64 -22.98
N LEU A 272 12.67 -4.39 -23.12
CA LEU A 272 11.32 -4.07 -23.57
C LEU A 272 11.17 -4.33 -25.05
N GLN A 273 12.22 -4.00 -25.80
CA GLN A 273 12.18 -4.13 -27.26
C GLN A 273 12.37 -5.56 -27.76
N ASN A 274 13.20 -6.33 -27.06
CA ASN A 274 13.58 -7.67 -27.52
C ASN A 274 13.03 -8.82 -26.66
N GLY A 275 12.47 -8.46 -25.51
CA GLY A 275 11.97 -9.45 -24.55
C GLY A 275 13.08 -10.10 -23.75
N MET A 276 12.67 -10.99 -22.86
CA MET A 276 13.55 -11.88 -22.13
C MET A 276 13.46 -13.25 -22.80
N ASN A 277 12.19 -13.60 -23.12
CA ASN A 277 11.73 -14.95 -23.52
C ASN A 277 12.71 -16.12 -23.38
N GLY A 278 12.34 -17.02 -22.47
CA GLY A 278 13.19 -18.12 -22.08
C GLY A 278 13.84 -17.80 -20.76
N ARG A 279 14.35 -16.58 -20.63
CA ARG A 279 15.20 -16.22 -19.50
C ARG A 279 14.46 -15.57 -18.32
N THR A 280 15.05 -15.73 -17.14
CA THR A 280 14.49 -15.15 -15.92
C THR A 280 15.42 -14.11 -15.30
N ILE A 281 14.82 -13.17 -14.56
CA ILE A 281 15.56 -12.27 -13.73
C ILE A 281 15.08 -12.43 -12.31
N LEU A 282 15.99 -12.64 -11.36
CA LEU A 282 15.63 -12.95 -9.97
C LEU A 282 14.48 -13.96 -9.87
N GLY A 283 14.53 -14.97 -10.72
CA GLY A 283 13.51 -16.01 -10.75
C GLY A 283 12.22 -15.64 -11.46
N SER A 284 12.16 -14.42 -11.96
CA SER A 284 10.96 -13.92 -12.63
C SER A 284 11.08 -13.91 -14.16
N THR A 285 9.98 -14.29 -14.79
CA THR A 285 9.79 -14.37 -16.22
C THR A 285 9.42 -13.00 -16.78
N ILE A 286 8.94 -12.10 -15.91
CA ILE A 286 8.51 -10.75 -16.31
C ILE A 286 9.26 -9.65 -15.54
N LEU A 287 9.10 -8.40 -15.98
CA LEU A 287 9.76 -7.29 -15.30
C LEU A 287 8.92 -6.86 -14.09
N GLU A 288 9.52 -6.95 -12.91
CA GLU A 288 8.81 -6.69 -11.68
C GLU A 288 8.81 -5.20 -11.24
N ASP A 289 7.65 -4.64 -10.81
CA ASP A 289 7.63 -3.20 -10.53
C ASP A 289 7.10 -2.90 -9.12
N GLU A 290 7.01 -3.93 -8.30
CA GLU A 290 6.52 -3.70 -6.94
C GLU A 290 7.60 -3.69 -5.85
N PHE A 291 8.87 -3.51 -6.22
CA PHE A 291 9.93 -3.19 -5.23
C PHE A 291 10.53 -1.78 -5.40
N THR A 292 10.52 -0.97 -4.35
CA THR A 292 11.12 0.36 -4.45
C THR A 292 12.66 0.26 -4.38
N PRO A 293 13.38 1.32 -4.79
CA PRO A 293 14.82 1.38 -4.47
C PRO A 293 15.08 1.11 -2.97
N PHE A 294 14.24 1.70 -2.10
CA PHE A 294 14.38 1.48 -0.65
C PHE A 294 14.19 0.01 -0.29
N ASP A 295 13.21 -0.67 -0.93
CA ASP A 295 12.96 -2.09 -0.67
C ASP A 295 14.18 -2.92 -1.05
N VAL A 296 14.85 -2.55 -2.15
CA VAL A 296 16.06 -3.24 -2.53
C VAL A 296 17.24 -3.07 -1.54
N VAL A 297 17.53 -1.85 -1.17
CA VAL A 297 18.59 -1.57 -0.17
C VAL A 297 18.31 -2.26 1.17
N ARG A 298 17.06 -2.25 1.64
CA ARG A 298 16.62 -2.94 2.86
C ARG A 298 16.99 -4.42 2.83
N GLN A 299 16.71 -5.07 1.71
CA GLN A 299 16.79 -6.53 1.62
C GLN A 299 18.10 -7.05 1.04
N CYS A 300 18.68 -6.30 0.12
CA CYS A 300 19.95 -6.79 -0.47
C CYS A 300 21.16 -6.57 0.42
N SER A 301 22.19 -7.37 0.16
CA SER A 301 23.47 -7.22 0.80
C SER A 301 23.96 -5.83 0.42
N GLY A 302 24.68 -5.19 1.34
CA GLY A 302 25.37 -3.93 1.05
C GLY A 302 26.66 -4.21 0.30
N VAL A 303 26.91 -5.50 0.01
CA VAL A 303 28.05 -5.92 -0.81
C VAL A 303 27.60 -6.72 -2.08
N THR A 304 28.01 -6.22 -3.25
CA THR A 304 27.69 -6.81 -4.55
C THR A 304 28.46 -8.12 -4.77
N PHE A 305 27.75 -9.10 -5.34
CA PHE A 305 28.37 -10.35 -5.82
C PHE A 305 28.96 -10.11 -7.22
N GLN A 306 30.26 -9.77 -7.23
CA GLN A 306 30.98 -9.31 -8.43
C GLN A 306 31.40 -10.40 -9.40
N VAL B 2 -19.24 -0.75 -7.41
CA VAL B 2 -18.26 -1.00 -6.36
C VAL B 2 -18.75 -2.02 -5.31
N LEU B 4 -18.37 -2.46 -1.29
CA LEU B 4 -17.80 -2.04 0.00
C LEU B 4 -17.41 -3.27 0.82
#